data_2RBW
#
_entry.id   2RBW
#
_cell.length_a   50.968
_cell.length_b   75.044
_cell.length_c   106.579
_cell.angle_alpha   90.00
_cell.angle_beta   90.00
_cell.angle_gamma   90.00
#
_symmetry.space_group_name_H-M   'P 21 21 21'
#
loop_
_entity.id
_entity.type
_entity.pdbx_description
1 polymer 'Cytochrome C Peroxidase'
2 non-polymer 'PHOSPHATE ION'
3 non-polymer 'PROTOPORPHYRIN IX CONTAINING FE'
4 non-polymer 5-amino-1,2-dimethylpyridinium
5 water water
#
_entity_poly.entity_id   1
_entity_poly.type   'polypeptide(L)'
_entity_poly.pdbx_seq_one_letter_code
;TLVHVASVEKGRSYEDFQKVYNAIALKLREDDEYDNYIGYGPVLVRLAWHISGTWDKHDNTGGSYGGTYRFKKEFNDPSN
AGLQNGFKFLEPIHKEFPWISSGDLFSLGGVTAVQEMQGPKIPWRCGRVDTPEDTTPDNGRLPDADKDAGYVRTFFQRLN
MNDREVVALMGAHALGKTHLKNSGYEGPGGAANNVFTNEFYLNLLNEDWKLEKNDANNEQWDSKSGYMMLPTDYSLIQDP
KYLSIVKEYANDQDKFFKDFSKAFEKLLEDGITFPKDAPSPFIFKTLEEQGL
;
_entity_poly.pdbx_strand_id   X
#
loop_
_chem_comp.id
_chem_comp.type
_chem_comp.name
_chem_comp.formula
275 non-polymer 5-amino-1,2-dimethylpyridinium 'C7 H11 N2 1'
HEM non-polymer 'PROTOPORPHYRIN IX CONTAINING FE' 'C34 H32 Fe N4 O4'
PO4 non-polymer 'PHOSPHATE ION' 'O4 P -3'
#
# COMPACT_ATOMS: atom_id res chain seq x y z
N THR A 1 -2.57 14.27 19.31
CA THR A 1 -1.96 14.79 20.56
C THR A 1 -0.52 14.26 20.74
N LEU A 2 -0.28 12.97 20.51
CA LEU A 2 1.08 12.39 20.49
C LEU A 2 1.94 13.02 19.39
N VAL A 3 3.19 13.35 19.67
CA VAL A 3 4.12 13.82 18.64
C VAL A 3 5.20 12.77 18.37
N HIS A 4 5.38 12.45 17.08
CA HIS A 4 6.43 11.52 16.63
C HIS A 4 7.38 12.26 15.72
N VAL A 5 8.57 12.56 16.22
CA VAL A 5 9.54 13.33 15.46
C VAL A 5 10.46 12.37 14.71
N ALA A 6 10.59 12.57 13.39
CA ALA A 6 11.49 11.76 12.58
C ALA A 6 12.93 11.97 13.05
N SER A 7 13.64 10.86 13.24
CA SER A 7 15.03 10.87 13.70
C SER A 7 15.84 9.97 12.76
N VAL A 8 16.70 10.58 11.98
CA VAL A 8 17.49 9.87 10.97
C VAL A 8 18.36 8.82 11.64
N GLU A 9 18.33 7.60 11.11
CA GLU A 9 19.19 6.51 11.62
C GLU A 9 20.63 7.03 11.62
N LYS A 10 21.35 6.80 12.72
CA LYS A 10 22.57 7.54 12.99
C LYS A 10 23.59 7.48 11.85
N GLY A 11 23.94 8.64 11.30
CA GLY A 11 24.96 8.76 10.26
C GLY A 11 24.56 8.35 8.84
N ARG A 12 23.30 7.96 8.68
CA ARG A 12 22.84 7.41 7.40
C ARG A 12 22.41 8.51 6.44
N SER A 13 22.56 8.23 5.15
CA SER A 13 22.22 9.19 4.12
C SER A 13 21.62 8.44 2.92
N TYR A 14 21.32 9.17 1.85
CA TYR A 14 20.65 8.60 0.68
C TYR A 14 21.25 7.27 0.23
N GLU A 15 22.57 7.21 0.15
CA GLU A 15 23.22 6.04 -0.41
C GLU A 15 22.92 4.79 0.45
N ASP A 16 22.83 4.95 1.77
CA ASP A 16 22.46 3.81 2.62
C ASP A 16 21.08 3.26 2.29
N PHE A 17 20.14 4.17 2.11
CA PHE A 17 18.77 3.74 1.84
C PHE A 17 18.62 3.20 0.41
N GLN A 18 19.38 3.74 -0.54
CA GLN A 18 19.40 3.19 -1.89
C GLN A 18 19.90 1.74 -1.86
N LYS A 19 20.89 1.45 -0.99
CA LYS A 19 21.32 0.05 -0.84
C LYS A 19 20.21 -0.87 -0.32
N VAL A 20 19.43 -0.39 0.64
CA VAL A 20 18.31 -1.17 1.16
C VAL A 20 17.25 -1.37 0.06
N TYR A 21 16.91 -0.28 -0.64
CA TYR A 21 16.02 -0.33 -1.81
C TYR A 21 16.52 -1.41 -2.79
N ASN A 22 17.80 -1.36 -3.11
CA ASN A 22 18.36 -2.30 -4.09
C ASN A 22 18.25 -3.73 -3.60
N ALA A 23 18.49 -3.97 -2.33
CA ALA A 23 18.36 -5.34 -1.78
C ALA A 23 16.92 -5.84 -1.87
N ILE A 24 15.97 -4.98 -1.54
CA ILE A 24 14.55 -5.34 -1.69
C ILE A 24 14.24 -5.63 -3.15
N ALA A 25 14.70 -4.76 -4.04
CA ALA A 25 14.41 -4.89 -5.47
C ALA A 25 15.04 -6.14 -6.08
N LEU A 26 16.26 -6.46 -5.64
CA LEU A 26 16.93 -7.65 -6.14
C LEU A 26 16.22 -8.92 -5.65
N LYS A 27 15.70 -8.88 -4.44
CA LYS A 27 14.95 -10.03 -3.89
C LYS A 27 13.58 -10.16 -4.57
N LEU A 28 12.97 -9.04 -4.92
CA LEU A 28 11.73 -9.06 -5.71
C LEU A 28 11.93 -9.78 -7.03
N ARG A 29 13.04 -9.48 -7.69
CA ARG A 29 13.41 -10.13 -8.94
C ARG A 29 13.68 -11.65 -8.71
N GLU A 30 14.38 -11.99 -7.65
CA GLU A 30 14.79 -13.36 -7.40
C GLU A 30 13.65 -14.28 -6.99
N ASP A 31 12.77 -13.79 -6.13
CA ASP A 31 11.73 -14.60 -5.58
C ASP A 31 10.46 -14.52 -6.42
N ASP A 32 10.57 -14.88 -7.68
CA ASP A 32 9.57 -14.64 -8.68
C ASP A 32 8.36 -15.58 -8.67
N GLU A 33 8.49 -16.70 -8.00
CA GLU A 33 7.49 -17.77 -8.04
C GLU A 33 6.27 -17.48 -7.16
N TYR A 34 6.46 -16.64 -6.14
CA TYR A 34 5.48 -16.39 -5.10
C TYR A 34 4.09 -16.08 -5.67
N ASP A 35 3.07 -16.72 -5.11
CA ASP A 35 1.65 -16.46 -5.45
C ASP A 35 1.42 -16.62 -6.97
N ASN A 36 1.73 -17.84 -7.44
CA ASN A 36 1.61 -18.19 -8.86
C ASN A 36 2.25 -17.19 -9.82
N TYR A 37 3.48 -16.81 -9.48
CA TYR A 37 4.33 -15.94 -10.29
C TYR A 37 3.86 -14.50 -10.36
N ILE A 38 3.03 -14.10 -9.41
CA ILE A 38 2.74 -12.67 -9.21
C ILE A 38 4.00 -12.00 -8.64
N GLY A 39 4.70 -12.72 -7.77
CA GLY A 39 5.83 -12.14 -7.04
C GLY A 39 5.35 -11.32 -5.85
N TYR A 40 6.31 -10.80 -5.09
CA TYR A 40 6.02 -10.17 -3.80
C TYR A 40 5.64 -8.70 -3.87
N GLY A 41 5.64 -8.11 -5.06
CA GLY A 41 5.39 -6.67 -5.15
C GLY A 41 4.06 -6.25 -4.55
N PRO A 42 2.97 -6.85 -5.03
CA PRO A 42 1.67 -6.45 -4.51
C PRO A 42 1.52 -6.61 -3.01
N VAL A 43 1.97 -7.73 -2.42
CA VAL A 43 1.81 -7.89 -0.99
C VAL A 43 2.66 -6.87 -0.20
N LEU A 44 3.79 -6.44 -0.77
CA LEU A 44 4.60 -5.42 -0.07
C LEU A 44 3.92 -4.05 -0.10
N VAL A 45 3.17 -3.78 -1.17
CA VAL A 45 2.38 -2.54 -1.24
C VAL A 45 1.26 -2.59 -0.21
N ARG A 46 0.56 -3.72 -0.13
CA ARG A 46 -0.50 -3.85 0.86
CA ARG A 46 -0.52 -3.90 0.87
C ARG A 46 0.05 -3.75 2.29
N LEU A 47 1.23 -4.32 2.52
CA LEU A 47 1.86 -4.22 3.85
C LEU A 47 2.13 -2.75 4.21
N ALA A 48 2.71 -1.99 3.27
CA ALA A 48 3.02 -0.58 3.55
C ALA A 48 1.75 0.22 3.86
N TRP A 49 0.68 -0.09 3.12
CA TRP A 49 -0.61 0.56 3.39
C TRP A 49 -1.21 0.15 4.74
N HIS A 50 -1.19 -1.13 5.08
CA HIS A 50 -1.78 -1.58 6.35
C HIS A 50 -1.01 -1.10 7.59
N ILE A 51 0.31 -1.01 7.51
CA ILE A 51 1.06 -0.46 8.64
C ILE A 51 0.82 1.05 8.82
N SER A 52 0.43 1.73 7.74
CA SER A 52 0.11 3.15 7.77
C SER A 52 -1.36 3.45 8.08
N GLY A 53 -2.24 2.56 7.64
CA GLY A 53 -3.67 2.80 7.64
C GLY A 53 -4.35 2.66 8.98
N THR A 54 -3.58 2.26 9.99
CA THR A 54 -4.04 2.27 11.38
C THR A 54 -4.08 3.67 11.97
N TRP A 55 -3.51 4.65 11.28
CA TRP A 55 -3.43 6.01 11.80
C TRP A 55 -4.80 6.62 12.12
N ASP A 56 -4.86 7.40 13.20
CA ASP A 56 -6.03 8.18 13.52
C ASP A 56 -5.60 9.63 13.72
N LYS A 57 -6.05 10.52 12.83
CA LYS A 57 -5.67 11.92 12.86
C LYS A 57 -6.06 12.61 14.16
N HIS A 58 -7.06 12.08 14.86
CA HIS A 58 -7.58 12.73 16.05
C HIS A 58 -6.64 12.71 17.23
N ASP A 59 -5.90 11.62 17.40
CA ASP A 59 -4.99 11.50 18.55
C ASP A 59 -3.55 11.06 18.15
N ASN A 60 -3.29 10.96 16.84
CA ASN A 60 -2.02 10.48 16.29
C ASN A 60 -1.60 9.10 16.81
N THR A 61 -2.58 8.25 17.06
CA THR A 61 -2.32 6.86 17.35
C THR A 61 -2.17 6.10 16.04
N GLY A 62 -1.58 4.91 16.10
CA GLY A 62 -1.29 4.13 14.91
C GLY A 62 -0.31 4.84 14.00
N GLY A 63 -0.35 4.47 12.72
CA GLY A 63 0.52 5.07 11.70
C GLY A 63 1.82 4.29 11.55
N SER A 64 2.57 4.61 10.51
CA SER A 64 3.79 3.84 10.17
C SER A 64 4.94 4.05 11.13
N TYR A 65 4.93 5.16 11.86
CA TYR A 65 6.14 5.59 12.60
C TYR A 65 6.73 4.52 13.51
N GLY A 66 5.89 3.90 14.32
CA GLY A 66 6.37 3.04 15.41
C GLY A 66 6.78 1.64 15.04
N GLY A 67 6.53 1.23 13.79
CA GLY A 67 6.87 -0.12 13.34
C GLY A 67 6.15 -1.22 14.09
N THR A 68 4.93 -0.92 14.55
CA THR A 68 4.27 -1.78 15.52
C THR A 68 3.68 -3.08 14.94
N TYR A 69 3.68 -3.20 13.62
CA TYR A 69 3.30 -4.45 12.95
C TYR A 69 4.14 -5.64 13.42
N ARG A 70 5.35 -5.38 13.92
CA ARG A 70 6.21 -6.47 14.43
C ARG A 70 5.67 -7.12 15.71
N PHE A 71 4.69 -6.49 16.36
CA PHE A 71 4.08 -7.02 17.58
C PHE A 71 2.82 -7.83 17.29
N LYS A 72 2.62 -8.91 18.05
CA LYS A 72 1.60 -9.91 17.71
C LYS A 72 0.17 -9.38 17.60
N LYS A 73 -0.21 -8.40 18.41
CA LYS A 73 -1.58 -7.89 18.33
C LYS A 73 -1.87 -7.41 16.91
N GLU A 74 -0.92 -6.68 16.33
CA GLU A 74 -1.08 -6.12 14.99
C GLU A 74 -0.80 -7.16 13.92
N PHE A 75 0.28 -7.94 14.04
CA PHE A 75 0.52 -8.90 12.98
CA PHE A 75 0.62 -9.03 13.14
C PHE A 75 -0.59 -9.96 12.93
N ASN A 76 -1.30 -10.18 14.04
CA ASN A 76 -2.43 -11.12 14.06
C ASN A 76 -3.80 -10.50 13.81
N ASP A 77 -3.84 -9.20 13.48
CA ASP A 77 -5.11 -8.57 13.09
C ASP A 77 -5.70 -9.34 11.92
N PRO A 78 -6.96 -9.81 12.05
CA PRO A 78 -7.59 -10.47 10.91
C PRO A 78 -7.49 -9.66 9.60
N SER A 79 -7.51 -8.32 9.70
CA SER A 79 -7.38 -7.44 8.53
C SER A 79 -6.03 -7.57 7.85
N ASN A 80 -5.04 -8.10 8.58
CA ASN A 80 -3.69 -8.27 8.06
C ASN A 80 -3.33 -9.70 7.63
N ALA A 81 -4.32 -10.58 7.51
CA ALA A 81 -4.07 -11.97 7.16
C ALA A 81 -3.44 -12.03 5.78
N GLY A 82 -2.31 -12.73 5.68
CA GLY A 82 -1.55 -12.81 4.44
C GLY A 82 -0.31 -11.93 4.42
N LEU A 83 -0.30 -10.87 5.21
CA LEU A 83 0.81 -9.91 5.18
C LEU A 83 2.06 -10.49 5.82
N GLN A 84 1.89 -11.56 6.59
CA GLN A 84 3.04 -12.30 7.12
C GLN A 84 4.01 -12.74 6.00
N ASN A 85 3.50 -12.94 4.79
CA ASN A 85 4.34 -13.26 3.64
C ASN A 85 5.28 -12.11 3.32
N GLY A 86 4.76 -10.89 3.37
CA GLY A 86 5.57 -9.70 3.14
C GLY A 86 6.59 -9.49 4.23
N PHE A 87 6.18 -9.71 5.47
CA PHE A 87 7.10 -9.60 6.60
C PHE A 87 8.24 -10.60 6.46
N LYS A 88 7.91 -11.83 6.10
CA LYS A 88 8.94 -12.86 5.93
C LYS A 88 9.92 -12.50 4.80
N PHE A 89 9.40 -11.92 3.73
CA PHE A 89 10.20 -11.44 2.62
C PHE A 89 11.22 -10.39 3.13
N LEU A 90 10.76 -9.49 4.00
CA LEU A 90 11.61 -8.39 4.46
C LEU A 90 12.61 -8.79 5.56
N GLU A 91 12.40 -9.95 6.17
CA GLU A 91 13.25 -10.40 7.29
C GLU A 91 14.74 -10.45 6.91
N PRO A 92 15.10 -11.12 5.80
CA PRO A 92 16.53 -11.13 5.44
C PRO A 92 17.10 -9.74 5.09
N ILE A 93 16.25 -8.86 4.61
CA ILE A 93 16.67 -7.50 4.34
C ILE A 93 17.00 -6.79 5.66
N HIS A 94 16.14 -6.96 6.66
CA HIS A 94 16.36 -6.34 7.97
C HIS A 94 17.62 -6.93 8.62
N LYS A 95 17.87 -8.22 8.39
CA LYS A 95 19.06 -8.86 8.96
C LYS A 95 20.34 -8.28 8.35
N GLU A 96 20.31 -8.01 7.04
CA GLU A 96 21.45 -7.37 6.36
C GLU A 96 21.67 -5.92 6.76
N PHE A 97 20.57 -5.21 7.04
CA PHE A 97 20.60 -3.80 7.36
C PHE A 97 19.89 -3.60 8.70
N PRO A 98 20.49 -4.09 9.79
CA PRO A 98 19.81 -4.07 11.07
C PRO A 98 19.57 -2.69 11.65
N TRP A 99 20.23 -1.69 11.07
CA TRP A 99 20.17 -0.30 11.50
C TRP A 99 18.89 0.42 11.07
N ILE A 100 18.20 -0.11 10.06
CA ILE A 100 16.98 0.56 9.60
C ILE A 100 15.83 0.27 10.57
N SER A 101 14.98 1.26 10.85
CA SER A 101 13.84 1.02 11.71
C SER A 101 12.80 0.15 10.99
N SER A 102 11.93 -0.46 11.77
CA SER A 102 10.88 -1.32 11.22
C SER A 102 9.91 -0.51 10.35
N GLY A 103 9.44 0.63 10.84
CA GLY A 103 8.56 1.47 10.03
C GLY A 103 9.21 1.93 8.74
N ASP A 104 10.49 2.31 8.79
CA ASP A 104 11.20 2.68 7.57
C ASP A 104 11.28 1.51 6.62
N LEU A 105 11.58 0.32 7.14
CA LEU A 105 11.66 -0.86 6.27
C LEU A 105 10.31 -1.20 5.60
N PHE A 106 9.24 -1.23 6.40
CA PHE A 106 7.93 -1.62 5.87
C PHE A 106 7.49 -0.61 4.81
N SER A 107 7.66 0.68 5.10
CA SER A 107 7.23 1.72 4.15
C SER A 107 8.12 1.73 2.89
N LEU A 108 9.43 1.57 3.07
CA LEU A 108 10.34 1.48 1.94
C LEU A 108 10.05 0.27 1.04
N GLY A 109 9.62 -0.84 1.66
CA GLY A 109 9.22 -2.02 0.90
C GLY A 109 8.11 -1.68 -0.09
N GLY A 110 7.13 -0.88 0.35
CA GLY A 110 6.04 -0.48 -0.53
C GLY A 110 6.49 0.43 -1.66
N VAL A 111 7.34 1.41 -1.33
CA VAL A 111 7.88 2.32 -2.33
C VAL A 111 8.66 1.51 -3.38
N THR A 112 9.52 0.61 -2.90
CA THR A 112 10.35 -0.17 -3.79
C THR A 112 9.48 -1.00 -4.73
N ALA A 113 8.48 -1.66 -4.17
CA ALA A 113 7.56 -2.49 -4.94
C ALA A 113 6.86 -1.68 -6.03
N VAL A 114 6.29 -0.53 -5.66
CA VAL A 114 5.62 0.31 -6.67
C VAL A 114 6.57 0.69 -7.81
N GLN A 115 7.76 1.16 -7.47
CA GLN A 115 8.70 1.60 -8.50
C GLN A 115 9.19 0.44 -9.35
N GLU A 116 9.51 -0.69 -8.72
CA GLU A 116 10.05 -1.82 -9.49
C GLU A 116 8.97 -2.44 -10.39
N MET A 117 7.69 -2.28 -10.00
CA MET A 117 6.56 -2.69 -10.84
C MET A 117 6.21 -1.65 -11.93
N GLN A 118 7.13 -0.72 -12.17
CA GLN A 118 7.01 0.30 -13.22
C GLN A 118 5.98 1.39 -12.89
N GLY A 119 5.69 1.54 -11.61
CA GLY A 119 4.84 2.62 -11.13
C GLY A 119 5.56 3.95 -11.09
N PRO A 120 4.90 4.96 -10.53
CA PRO A 120 5.56 6.27 -10.38
C PRO A 120 6.68 6.24 -9.34
N LYS A 121 7.60 7.19 -9.45
CA LYS A 121 8.53 7.44 -8.37
CA LYS A 121 8.53 7.46 -8.37
C LYS A 121 7.73 7.93 -7.18
N ILE A 122 8.05 7.38 -6.00
CA ILE A 122 7.43 7.79 -4.74
C ILE A 122 8.53 8.36 -3.85
N PRO A 123 8.55 9.68 -3.64
CA PRO A 123 9.56 10.18 -2.71
C PRO A 123 9.33 9.60 -1.31
N TRP A 124 10.42 9.37 -0.59
CA TRP A 124 10.37 8.66 0.66
C TRP A 124 11.31 9.31 1.66
N ARG A 125 10.84 9.42 2.90
CA ARG A 125 11.64 10.04 3.95
C ARG A 125 11.93 9.01 5.03
N CYS A 126 13.16 9.04 5.53
CA CYS A 126 13.54 8.18 6.64
C CYS A 126 13.25 8.83 7.98
N GLY A 127 13.45 8.05 9.04
CA GLY A 127 13.38 8.58 10.39
C GLY A 127 12.28 8.08 11.29
N ARG A 128 11.48 7.12 10.82
CA ARG A 128 10.54 6.44 11.70
C ARG A 128 11.37 5.75 12.79
N VAL A 129 10.83 5.68 14.00
CA VAL A 129 11.55 5.10 15.15
C VAL A 129 10.67 4.06 15.81
N ASP A 130 11.22 2.88 16.04
CA ASP A 130 10.46 1.81 16.66
C ASP A 130 9.98 2.26 18.03
N THR A 131 8.70 2.00 18.32
CA THR A 131 8.10 2.31 19.61
C THR A 131 7.67 1.01 20.31
N PRO A 132 7.47 1.09 21.65
CA PRO A 132 7.21 -0.14 22.40
C PRO A 132 5.89 -0.84 22.11
N GLU A 133 5.78 -2.09 22.58
CA GLU A 133 4.61 -2.91 22.29
C GLU A 133 3.29 -2.29 22.77
N ASP A 134 3.31 -1.50 23.84
CA ASP A 134 2.08 -0.83 24.33
C ASP A 134 1.57 0.31 23.42
N THR A 135 2.35 0.69 22.41
CA THR A 135 1.93 1.68 21.42
C THR A 135 1.20 1.06 20.22
N THR A 136 1.10 -0.27 20.20
CA THR A 136 0.47 -0.98 19.07
C THR A 136 -1.02 -0.67 19.07
N PRO A 137 -1.57 -0.23 17.93
CA PRO A 137 -3.00 0.06 17.90
C PRO A 137 -3.81 -1.22 17.93
N ASP A 138 -5.01 -1.15 18.52
CA ASP A 138 -5.94 -2.28 18.53
C ASP A 138 -6.36 -2.61 17.09
N ASN A 139 -6.74 -3.87 16.88
CA ASN A 139 -7.37 -4.31 15.63
C ASN A 139 -8.66 -3.51 15.34
N GLY A 140 -9.06 -3.48 14.08
CA GLY A 140 -10.34 -2.88 13.67
C GLY A 140 -10.27 -1.49 13.07
N ARG A 141 -9.06 -0.98 12.85
CA ARG A 141 -8.86 0.34 12.26
C ARG A 141 -8.73 0.31 10.73
N LEU A 142 -8.58 -0.87 10.15
CA LEU A 142 -8.47 -1.01 8.70
C LEU A 142 -9.88 -1.24 8.11
N PRO A 143 -10.07 -0.88 6.84
CA PRO A 143 -11.45 -0.82 6.30
C PRO A 143 -12.08 -2.16 5.91
N ASP A 144 -13.41 -2.20 6.03
CA ASP A 144 -14.22 -3.32 5.54
C ASP A 144 -14.41 -3.21 4.02
N ALA A 145 -14.55 -4.37 3.37
CA ALA A 145 -14.68 -4.46 1.90
C ALA A 145 -16.13 -4.54 1.41
N ASP A 146 -17.06 -4.80 2.31
CA ASP A 146 -18.45 -5.08 1.93
C ASP A 146 -19.38 -3.88 1.95
N LYS A 147 -18.80 -2.68 2.01
CA LYS A 147 -19.52 -1.45 2.28
C LYS A 147 -19.65 -0.61 1.02
N ASP A 148 -20.28 0.56 1.17
CA ASP A 148 -20.61 1.47 0.07
C ASP A 148 -19.74 2.72 0.05
N ALA A 149 -20.02 3.60 -0.89
CA ALA A 149 -19.18 4.78 -1.13
C ALA A 149 -19.18 5.69 0.11
N GLY A 150 -20.32 5.81 0.79
CA GLY A 150 -20.39 6.65 1.97
C GLY A 150 -19.49 6.15 3.10
N TYR A 151 -19.42 4.84 3.23
CA TYR A 151 -18.51 4.21 4.19
C TYR A 151 -17.06 4.53 3.86
N VAL A 152 -16.71 4.38 2.59
CA VAL A 152 -15.34 4.60 2.14
C VAL A 152 -14.94 6.06 2.40
N ARG A 153 -15.82 6.99 2.02
CA ARG A 153 -15.55 8.42 2.18
C ARG A 153 -15.34 8.78 3.65
N THR A 154 -16.24 8.33 4.52
CA THR A 154 -16.10 8.58 5.93
C THR A 154 -14.87 7.89 6.52
N PHE A 155 -14.61 6.64 6.11
CA PHE A 155 -13.47 5.90 6.64
C PHE A 155 -12.18 6.71 6.42
N PHE A 156 -12.00 7.16 5.18
CA PHE A 156 -10.75 7.80 4.79
C PHE A 156 -10.59 9.22 5.37
N GLN A 157 -11.66 9.84 5.87
CA GLN A 157 -11.51 11.12 6.58
C GLN A 157 -10.62 10.95 7.83
N ARG A 158 -10.64 9.76 8.43
CA ARG A 158 -9.81 9.49 9.63
C ARG A 158 -8.32 9.53 9.28
N LEU A 159 -8.00 9.22 8.02
CA LEU A 159 -6.62 9.25 7.48
C LEU A 159 -6.33 10.57 6.76
N ASN A 160 -7.22 11.54 6.92
CA ASN A 160 -7.09 12.85 6.27
C ASN A 160 -6.93 12.77 4.75
N MET A 161 -7.72 11.88 4.12
CA MET A 161 -7.71 11.73 2.69
C MET A 161 -9.05 12.22 2.11
N ASN A 162 -8.96 12.99 1.03
CA ASN A 162 -10.14 13.50 0.34
C ASN A 162 -10.54 12.59 -0.83
N ASP A 163 -11.59 12.97 -1.58
CA ASP A 163 -12.09 12.09 -2.64
C ASP A 163 -11.02 11.73 -3.66
N ARG A 164 -10.25 12.72 -4.12
CA ARG A 164 -9.24 12.44 -5.12
CA ARG A 164 -9.21 12.49 -5.11
C ARG A 164 -8.16 11.51 -4.58
N GLU A 165 -7.73 11.75 -3.34
CA GLU A 165 -6.71 10.91 -2.71
C GLU A 165 -7.19 9.47 -2.53
N VAL A 166 -8.46 9.30 -2.14
CA VAL A 166 -9.04 7.98 -2.00
C VAL A 166 -9.10 7.24 -3.34
N VAL A 167 -9.61 7.93 -4.36
CA VAL A 167 -9.72 7.27 -5.67
C VAL A 167 -8.34 6.91 -6.24
N ALA A 168 -7.37 7.82 -6.08
CA ALA A 168 -6.00 7.54 -6.52
C ALA A 168 -5.41 6.33 -5.79
N LEU A 169 -5.52 6.33 -4.47
CA LEU A 169 -4.95 5.22 -3.70
C LEU A 169 -5.55 3.88 -4.10
N MET A 170 -6.85 3.89 -4.40
CA MET A 170 -7.53 2.62 -4.70
C MET A 170 -7.03 1.99 -6.00
N GLY A 171 -6.37 2.77 -6.87
CA GLY A 171 -5.80 2.21 -8.07
C GLY A 171 -4.78 1.11 -7.82
N ALA A 172 -4.24 1.04 -6.60
CA ALA A 172 -3.39 -0.08 -6.21
C ALA A 172 -4.09 -1.43 -6.35
N HIS A 173 -5.42 -1.41 -6.40
CA HIS A 173 -6.20 -2.63 -6.59
C HIS A 173 -6.15 -3.19 -8.02
N ALA A 174 -5.33 -2.60 -8.88
CA ALA A 174 -4.91 -3.27 -10.12
C ALA A 174 -3.90 -4.39 -9.84
N LEU A 175 -3.26 -4.32 -8.67
CA LEU A 175 -2.12 -5.18 -8.34
C LEU A 175 -2.52 -6.44 -7.60
N GLY A 176 -1.87 -7.56 -7.94
CA GLY A 176 -2.01 -8.75 -7.14
C GLY A 176 -3.40 -9.35 -7.21
N LYS A 177 -3.89 -9.86 -6.08
CA LYS A 177 -5.21 -10.51 -6.05
C LYS A 177 -5.72 -10.64 -4.63
N THR A 178 -6.99 -11.05 -4.54
CA THR A 178 -7.58 -11.40 -3.27
C THR A 178 -7.45 -12.92 -3.12
N HIS A 179 -7.40 -13.38 -1.88
CA HIS A 179 -7.20 -14.81 -1.56
C HIS A 179 -8.28 -15.18 -0.56
N LEU A 180 -9.11 -16.19 -0.91
CA LEU A 180 -10.27 -16.49 -0.08
C LEU A 180 -9.91 -16.74 1.38
N LYS A 181 -8.77 -17.41 1.61
CA LYS A 181 -8.36 -17.76 2.98
C LYS A 181 -7.92 -16.56 3.81
N ASN A 182 -7.51 -15.48 3.15
CA ASN A 182 -7.08 -14.27 3.85
C ASN A 182 -8.24 -13.35 4.20
N SER A 183 -9.11 -13.09 3.22
CA SER A 183 -10.10 -12.02 3.33
C SER A 183 -11.53 -12.41 3.03
N GLY A 184 -11.77 -13.63 2.55
CA GLY A 184 -13.12 -13.99 2.13
C GLY A 184 -13.52 -13.48 0.75
N TYR A 185 -12.53 -13.08 -0.06
CA TYR A 185 -12.69 -12.70 -1.44
C TYR A 185 -11.71 -13.50 -2.28
N GLU A 186 -12.07 -13.80 -3.52
CA GLU A 186 -11.17 -14.53 -4.38
C GLU A 186 -11.06 -13.94 -5.77
N GLY A 187 -9.81 -13.88 -6.24
CA GLY A 187 -9.54 -13.48 -7.60
C GLY A 187 -8.87 -12.11 -7.72
N PRO A 188 -8.39 -11.77 -8.91
CA PRO A 188 -8.37 -12.61 -10.11
C PRO A 188 -7.40 -13.78 -10.02
N GLY A 189 -7.58 -14.75 -10.90
CA GLY A 189 -6.59 -15.83 -11.05
C GLY A 189 -5.68 -15.49 -12.22
N GLY A 190 -6.05 -15.96 -13.41
CA GLY A 190 -5.26 -15.73 -14.61
C GLY A 190 -5.16 -14.28 -15.09
N ALA A 191 -6.08 -13.43 -14.63
CA ALA A 191 -6.06 -12.00 -14.98
C ALA A 191 -5.29 -11.14 -13.96
N ALA A 192 -4.61 -11.78 -13.00
CA ALA A 192 -3.82 -11.04 -12.02
C ALA A 192 -2.62 -10.36 -12.69
N ASN A 193 -2.21 -9.22 -12.14
CA ASN A 193 -1.11 -8.39 -12.68
C ASN A 193 -0.10 -7.91 -11.61
N ASN A 194 1.14 -7.75 -12.06
CA ASN A 194 2.22 -7.26 -11.22
C ASN A 194 2.97 -6.10 -11.86
N VAL A 195 2.27 -5.38 -12.73
CA VAL A 195 2.77 -4.17 -13.32
C VAL A 195 1.79 -3.06 -12.94
N PHE A 196 2.34 -1.93 -12.49
CA PHE A 196 1.56 -0.81 -12.00
C PHE A 196 1.11 0.07 -13.15
N THR A 197 -0.20 0.10 -13.37
CA THR A 197 -0.80 0.92 -14.43
C THR A 197 -2.10 1.49 -13.89
N ASN A 198 -2.83 2.22 -14.74
CA ASN A 198 -4.16 2.74 -14.39
C ASN A 198 -5.28 1.78 -14.78
N GLU A 199 -4.97 0.49 -14.93
CA GLU A 199 -5.99 -0.46 -15.42
C GLU A 199 -7.18 -0.65 -14.47
N PHE A 200 -7.04 -0.36 -13.18
CA PHE A 200 -8.18 -0.48 -12.23
C PHE A 200 -9.34 0.36 -12.73
N TYR A 201 -9.02 1.58 -13.18
CA TYR A 201 -10.04 2.53 -13.60
C TYR A 201 -10.67 2.12 -14.93
N LEU A 202 -9.82 1.72 -15.87
CA LEU A 202 -10.30 1.23 -17.16
C LEU A 202 -11.21 0.01 -16.97
N ASN A 203 -10.79 -0.91 -16.12
CA ASN A 203 -11.62 -2.09 -15.86
C ASN A 203 -12.95 -1.74 -15.22
N LEU A 204 -12.94 -0.87 -14.22
CA LEU A 204 -14.21 -0.40 -13.63
C LEU A 204 -15.17 0.11 -14.70
N LEU A 205 -14.66 0.94 -15.62
CA LEU A 205 -15.52 1.59 -16.59
C LEU A 205 -15.92 0.69 -17.75
N ASN A 206 -15.06 -0.26 -18.12
CA ASN A 206 -15.22 -0.95 -19.40
C ASN A 206 -15.68 -2.39 -19.31
N GLU A 207 -15.50 -3.04 -18.16
CA GLU A 207 -15.93 -4.44 -18.02
C GLU A 207 -17.43 -4.57 -17.79
N ASP A 208 -17.93 -5.74 -18.10
CA ASP A 208 -19.33 -6.09 -17.85
C ASP A 208 -19.36 -6.81 -16.51
N TRP A 209 -19.72 -6.09 -15.46
CA TRP A 209 -19.59 -6.58 -14.09
C TRP A 209 -20.86 -7.28 -13.64
N LYS A 210 -20.70 -8.43 -13.00
CA LYS A 210 -21.81 -9.22 -12.44
C LYS A 210 -21.61 -9.37 -10.93
N LEU A 211 -22.64 -9.05 -10.14
CA LEU A 211 -22.59 -9.19 -8.70
C LEU A 211 -22.84 -10.66 -8.35
N GLU A 212 -21.80 -11.35 -7.89
CA GLU A 212 -21.86 -12.79 -7.64
C GLU A 212 -21.50 -13.06 -6.20
N LYS A 213 -21.82 -14.28 -5.73
CA LYS A 213 -21.37 -14.75 -4.45
C LYS A 213 -20.21 -15.72 -4.61
N ASN A 214 -19.17 -15.52 -3.81
CA ASN A 214 -18.01 -16.38 -3.85
C ASN A 214 -18.16 -17.56 -2.90
N ASP A 215 -17.13 -18.39 -2.79
CA ASP A 215 -17.24 -19.63 -2.00
C ASP A 215 -17.22 -19.40 -0.49
N ALA A 216 -16.96 -18.15 -0.08
CA ALA A 216 -17.07 -17.75 1.31
C ALA A 216 -18.43 -17.11 1.59
N ASN A 217 -19.33 -17.14 0.61
CA ASN A 217 -20.66 -16.56 0.73
C ASN A 217 -20.69 -15.03 0.84
N ASN A 218 -19.64 -14.39 0.30
CA ASN A 218 -19.60 -12.94 0.20
C ASN A 218 -19.79 -12.47 -1.22
N GLU A 219 -20.44 -11.33 -1.37
CA GLU A 219 -20.64 -10.73 -2.69
C GLU A 219 -19.39 -10.01 -3.19
N GLN A 220 -19.10 -10.22 -4.46
CA GLN A 220 -18.07 -9.46 -5.17
C GLN A 220 -18.48 -9.32 -6.63
N TRP A 221 -17.90 -8.34 -7.31
CA TRP A 221 -18.19 -8.06 -8.70
C TRP A 221 -17.17 -8.75 -9.58
N ASP A 222 -17.67 -9.56 -10.52
CA ASP A 222 -16.82 -10.35 -11.39
C ASP A 222 -17.10 -10.04 -12.84
N SER A 223 -16.07 -10.12 -13.69
CA SER A 223 -16.27 -9.94 -15.13
C SER A 223 -15.92 -11.22 -15.89
N LYS A 224 -16.45 -11.34 -17.11
CA LYS A 224 -16.18 -12.51 -17.96
C LYS A 224 -14.70 -12.62 -18.35
N SER A 225 -13.99 -11.50 -18.34
CA SER A 225 -12.53 -11.47 -18.57
C SER A 225 -11.72 -12.01 -17.40
N GLY A 226 -12.38 -12.25 -16.26
CA GLY A 226 -11.72 -12.77 -15.07
C GLY A 226 -11.27 -11.73 -14.05
N TYR A 227 -11.66 -10.47 -14.24
CA TYR A 227 -11.36 -9.43 -13.27
C TYR A 227 -12.36 -9.51 -12.12
N MET A 228 -11.98 -8.91 -11.00
CA MET A 228 -12.90 -8.77 -9.88
CA MET A 228 -12.81 -8.86 -9.81
C MET A 228 -12.66 -7.49 -9.13
N MET A 229 -13.75 -7.02 -8.52
CA MET A 229 -13.78 -5.81 -7.73
C MET A 229 -14.52 -6.09 -6.43
N LEU A 230 -14.03 -5.52 -5.34
CA LEU A 230 -14.77 -5.53 -4.08
C LEU A 230 -15.96 -4.60 -4.18
N PRO A 231 -16.98 -4.81 -3.32
CA PRO A 231 -18.05 -3.80 -3.24
C PRO A 231 -17.53 -2.38 -3.02
N THR A 232 -16.49 -2.20 -2.21
CA THR A 232 -15.93 -0.87 -1.99
C THR A 232 -15.24 -0.31 -3.26
N ASP A 233 -14.66 -1.19 -4.07
CA ASP A 233 -14.08 -0.77 -5.37
C ASP A 233 -15.19 -0.30 -6.30
N TYR A 234 -16.21 -1.13 -6.44
CA TYR A 234 -17.33 -0.82 -7.33
C TYR A 234 -18.07 0.46 -6.88
N SER A 235 -18.02 0.78 -5.60
CA SER A 235 -18.66 1.99 -5.09
C SER A 235 -18.10 3.26 -5.73
N LEU A 236 -16.86 3.18 -6.24
CA LEU A 236 -16.25 4.33 -6.89
C LEU A 236 -16.91 4.70 -8.23
N ILE A 237 -17.69 3.80 -8.80
CA ILE A 237 -18.49 4.13 -9.99
C ILE A 237 -19.98 4.26 -9.70
N GLN A 238 -20.37 3.96 -8.46
CA GLN A 238 -21.76 4.19 -8.02
C GLN A 238 -21.98 5.61 -7.49
N ASP A 239 -20.96 6.20 -6.90
CA ASP A 239 -21.01 7.56 -6.37
C ASP A 239 -20.59 8.53 -7.46
N PRO A 240 -21.39 9.59 -7.71
CA PRO A 240 -21.09 10.44 -8.85
C PRO A 240 -19.78 11.24 -8.72
N LYS A 241 -19.38 11.56 -7.50
CA LYS A 241 -18.16 12.32 -7.29
C LYS A 241 -16.94 11.43 -7.53
N TYR A 242 -16.99 10.23 -6.98
CA TYR A 242 -15.93 9.26 -7.27
C TYR A 242 -15.86 8.92 -8.76
N LEU A 243 -17.02 8.77 -9.40
CA LEU A 243 -17.05 8.37 -10.79
C LEU A 243 -16.30 9.35 -11.67
N SER A 244 -16.48 10.64 -11.44
CA SER A 244 -15.78 11.63 -12.26
C SER A 244 -14.26 11.45 -12.19
N ILE A 245 -13.77 11.14 -11.00
CA ILE A 245 -12.33 10.98 -10.78
C ILE A 245 -11.84 9.68 -11.40
N VAL A 246 -12.62 8.61 -11.27
CA VAL A 246 -12.32 7.35 -11.96
C VAL A 246 -12.13 7.61 -13.46
N LYS A 247 -13.07 8.35 -14.06
CA LYS A 247 -12.97 8.66 -15.49
C LYS A 247 -11.71 9.46 -15.80
N GLU A 248 -11.36 10.39 -14.93
CA GLU A 248 -10.15 11.18 -15.12
C GLU A 248 -8.90 10.29 -15.17
N TYR A 249 -8.76 9.41 -14.20
CA TYR A 249 -7.58 8.56 -14.15
C TYR A 249 -7.59 7.49 -15.24
N ALA A 250 -8.77 7.02 -15.65
CA ALA A 250 -8.86 6.09 -16.77
C ALA A 250 -8.37 6.72 -18.07
N ASN A 251 -8.40 8.05 -18.12
CA ASN A 251 -8.07 8.78 -19.34
C ASN A 251 -6.76 9.57 -19.28
N ASP A 252 -6.00 9.41 -18.21
CA ASP A 252 -4.76 10.14 -18.06
C ASP A 252 -3.80 9.38 -17.14
N GLN A 253 -2.97 8.55 -17.75
CA GLN A 253 -2.00 7.72 -17.01
C GLN A 253 -1.03 8.56 -16.17
N ASP A 254 -0.55 9.64 -16.75
CA ASP A 254 0.42 10.49 -16.05
C ASP A 254 -0.22 11.14 -14.82
N LYS A 255 -1.46 11.62 -14.97
CA LYS A 255 -2.11 12.30 -13.87
C LYS A 255 -2.34 11.30 -12.72
N PHE A 256 -2.76 10.11 -13.09
CA PHE A 256 -2.93 9.09 -12.09
C PHE A 256 -1.60 8.80 -11.35
N PHE A 257 -0.51 8.64 -12.11
CA PHE A 257 0.78 8.36 -11.48
C PHE A 257 1.17 9.47 -10.51
N LYS A 258 1.01 10.72 -10.93
CA LYS A 258 1.37 11.85 -10.08
C LYS A 258 0.54 11.94 -8.82
N ASP A 259 -0.77 11.75 -8.97
CA ASP A 259 -1.67 11.79 -7.80
C ASP A 259 -1.47 10.62 -6.84
N PHE A 260 -1.30 9.43 -7.40
CA PHE A 260 -1.00 8.27 -6.57
C PHE A 260 0.31 8.48 -5.78
N SER A 261 1.33 9.00 -6.44
CA SER A 261 2.63 9.21 -5.77
C SER A 261 2.46 10.12 -4.56
N LYS A 262 1.76 11.24 -4.75
CA LYS A 262 1.55 12.17 -3.65
CA LYS A 262 1.53 12.18 -3.66
C LYS A 262 0.74 11.53 -2.53
N ALA A 263 -0.36 10.85 -2.88
CA ALA A 263 -1.23 10.27 -1.86
C ALA A 263 -0.58 9.14 -1.09
N PHE A 264 0.22 8.35 -1.80
CA PHE A 264 0.90 7.22 -1.17
C PHE A 264 2.03 7.71 -0.25
N GLU A 265 2.80 8.70 -0.69
CA GLU A 265 3.77 9.29 0.22
C GLU A 265 3.07 9.85 1.48
N LYS A 266 1.97 10.57 1.27
CA LYS A 266 1.24 11.16 2.39
C LYS A 266 0.78 10.08 3.38
N LEU A 267 0.19 9.02 2.84
CA LEU A 267 -0.27 7.89 3.62
C LEU A 267 0.87 7.34 4.51
N LEU A 268 2.02 7.15 3.88
CA LEU A 268 3.17 6.56 4.55
C LEU A 268 3.79 7.50 5.57
N GLU A 269 3.53 8.80 5.44
CA GLU A 269 4.07 9.80 6.35
C GLU A 269 3.10 10.36 7.38
N ASP A 270 1.81 10.02 7.27
CA ASP A 270 0.83 10.53 8.23
C ASP A 270 1.33 10.22 9.65
N GLY A 271 1.25 11.21 10.51
CA GLY A 271 1.57 11.07 11.92
C GLY A 271 2.98 11.47 12.28
N ILE A 272 3.81 11.72 11.28
CA ILE A 272 5.24 11.99 11.49
C ILE A 272 5.52 13.49 11.38
N THR A 273 6.22 14.04 12.36
CA THR A 273 6.70 15.40 12.33
C THR A 273 8.14 15.37 11.85
N PHE A 274 8.40 16.05 10.73
CA PHE A 274 9.74 16.16 10.17
C PHE A 274 10.35 17.48 10.60
N PRO A 275 11.46 17.44 11.34
CA PRO A 275 12.19 18.66 11.69
C PRO A 275 12.49 19.51 10.46
N LYS A 276 12.58 20.83 10.63
CA LYS A 276 12.77 21.72 9.49
C LYS A 276 14.13 21.51 8.81
N ASP A 277 15.11 21.00 9.56
CA ASP A 277 16.42 20.63 9.01
C ASP A 277 16.58 19.12 8.70
N ALA A 278 15.47 18.38 8.65
CA ALA A 278 15.49 16.99 8.18
C ALA A 278 15.97 16.94 6.73
N PRO A 279 16.52 15.80 6.30
CA PRO A 279 16.86 15.72 4.88
C PRO A 279 15.62 15.84 4.00
N SER A 280 15.81 16.28 2.77
CA SER A 280 14.71 16.26 1.80
C SER A 280 14.33 14.82 1.49
N PRO A 281 13.11 14.62 0.99
CA PRO A 281 12.73 13.28 0.57
C PRO A 281 13.69 12.70 -0.47
N PHE A 282 13.93 11.40 -0.37
CA PHE A 282 14.76 10.68 -1.29
C PHE A 282 13.92 10.13 -2.43
N ILE A 283 14.47 10.20 -3.63
CA ILE A 283 13.87 9.54 -4.80
C ILE A 283 14.87 8.51 -5.29
N PHE A 284 14.55 7.27 -5.04
CA PHE A 284 15.44 6.15 -5.35
C PHE A 284 15.39 5.78 -6.81
N LYS A 285 16.55 5.44 -7.34
CA LYS A 285 16.65 4.93 -8.70
CA LYS A 285 16.68 4.92 -8.70
C LYS A 285 16.21 3.47 -8.73
N THR A 286 15.52 3.08 -9.79
CA THR A 286 15.18 1.66 -9.95
C THR A 286 16.43 0.86 -10.31
N LEU A 287 16.36 -0.45 -10.15
CA LEU A 287 17.46 -1.30 -10.62
C LEU A 287 17.73 -1.02 -12.09
N GLU A 288 16.67 -0.94 -12.89
CA GLU A 288 16.80 -0.69 -14.31
C GLU A 288 17.56 0.60 -14.60
N GLU A 289 17.24 1.67 -13.87
CA GLU A 289 17.94 2.94 -14.03
C GLU A 289 19.42 2.86 -13.66
N GLN A 290 19.75 1.95 -12.74
CA GLN A 290 21.15 1.77 -12.30
C GLN A 290 21.91 0.76 -13.14
N GLY A 291 21.23 0.11 -14.08
CA GLY A 291 21.89 -0.95 -14.85
C GLY A 291 22.18 -2.21 -14.06
N LEU A 292 21.41 -2.41 -12.99
CA LEU A 292 21.56 -3.55 -12.10
C LEU A 292 20.49 -4.59 -12.34
P PO4 B . 8.64 -7.80 -10.01
O1 PO4 B . 9.36 -8.18 -11.30
O2 PO4 B . 9.10 -6.46 -9.52
O3 PO4 B . 7.17 -7.76 -10.26
O4 PO4 B . 8.92 -8.85 -8.96
P PO4 C . 26.18 -7.83 9.36
O1 PO4 C . 27.58 -7.44 9.80
O2 PO4 C . 25.12 -7.10 10.12
O3 PO4 C . 25.81 -7.59 7.94
O4 PO4 C . 26.15 -9.29 9.52
P PO4 D . 0.78 -12.86 -13.70
O1 PO4 D . 1.89 -13.38 -14.58
O2 PO4 D . 0.57 -13.78 -12.53
O3 PO4 D . 1.14 -11.48 -13.19
O4 PO4 D . -0.49 -12.78 -14.51
P PO4 E . -0.49 -17.53 -1.37
O1 PO4 E . 0.71 -18.45 -1.34
O2 PO4 E . -1.36 -17.78 -0.17
O3 PO4 E . -0.04 -16.09 -1.35
O4 PO4 E . -1.29 -17.80 -2.63
CHA HEM F . -5.68 -6.54 -1.36
CHB HEM F . -9.43 -4.42 0.85
CHC HEM F . -7.48 -0.09 0.06
CHD HEM F . -3.51 -2.20 -1.75
C1A HEM F . -6.85 -6.34 -0.68
C2A HEM F . -7.74 -7.39 -0.21
C3A HEM F . -8.78 -6.81 0.37
C4A HEM F . -8.60 -5.38 0.34
CMA HEM F . -9.98 -7.54 1.02
CAA HEM F . -7.47 -8.89 -0.40
CBA HEM F . -6.47 -9.40 0.64
CGA HEM F . -6.20 -10.87 0.40
O1A HEM F . -5.01 -11.27 0.26
O2A HEM F . -7.19 -11.65 0.29
C1B HEM F . -9.28 -3.06 0.77
C2B HEM F . -10.25 -2.07 1.18
C3B HEM F . -9.71 -0.87 0.93
C4B HEM F . -8.37 -1.06 0.42
CMB HEM F . -11.66 -2.40 1.74
CAB HEM F . -10.31 0.53 1.17
CBB HEM F . -11.64 0.79 1.12
C1C HEM F . -6.19 -0.29 -0.39
C2C HEM F . -5.17 0.73 -0.52
C3C HEM F . -4.06 0.15 -1.02
C4C HEM F . -4.35 -1.27 -1.20
CMC HEM F . -5.35 2.22 -0.15
CAC HEM F . -2.69 0.76 -1.32
CBC HEM F . -2.51 1.97 -1.85
C1D HEM F . -3.80 -3.52 -1.93
C2D HEM F . -2.98 -4.44 -2.68
C3D HEM F . -3.64 -5.78 -2.56
C4D HEM F . -4.80 -5.55 -1.75
CMD HEM F . -1.71 -4.13 -3.46
CAD HEM F . -3.19 -7.10 -3.19
CBD HEM F . -2.35 -7.89 -2.19
CGD HEM F . -1.83 -9.21 -2.73
O1D HEM F . -1.88 -9.45 -3.95
O2D HEM F . -1.38 -10.05 -1.88
NA HEM F . -7.39 -5.13 -0.31
NB HEM F . -8.13 -2.40 0.34
NC HEM F . -5.66 -1.51 -0.80
ND HEM F . -4.88 -4.21 -1.40
FE HEM F . -6.54 -3.30 -0.63
C1 275 G . -8.71 -6.01 -3.43
C1 275 G . -9.19 -5.72 -3.28
C2 275 G . -8.17 -6.37 -4.80
C2 275 G . -8.44 -6.12 -4.55
C3 275 G . -6.80 -6.39 -5.05
C3 275 G . -7.09 -6.46 -4.51
C4 275 G . -6.31 -6.73 -6.31
C4 275 G . -6.40 -6.83 -5.66
C5 275 G . -7.20 -7.04 -7.35
C5 275 G . -7.05 -6.87 -6.89
N6 275 G . -6.72 -7.34 -8.56
N6 275 G . -6.40 -7.22 -8.00
C7 275 G . -8.57 -7.01 -7.11
C7 275 G . -8.40 -6.52 -6.95
N8 275 G . -9.06 -6.69 -5.84
N8 275 G . -9.09 -6.14 -5.79
C9 275 G . -10.54 -6.67 -5.61
C9 275 G . -10.53 -5.81 -5.90
#